data_4A7Q
#
_entry.id   4A7Q
#
_cell.length_a   38.010
_cell.length_b   68.210
_cell.length_c   49.010
_cell.angle_alpha   90.00
_cell.angle_beta   104.11
_cell.angle_gamma   90.00
#
_symmetry.space_group_name_H-M   'P 1 21 1'
#
loop_
_entity.id
_entity.type
_entity.pdbx_description
1 polymer 'SUPEROXIDE DISMUTASE [CU-ZN]'
2 non-polymer 4-(4-METHYL-1,4-DIAZEPAN-1-YL)QUINAZOLINE
3 non-polymer 'SULFATE ION'
4 non-polymer 'COPPER (II) ION'
5 non-polymer 'ZINC ION'
6 water water
#
_entity_poly.entity_id   1
_entity_poly.type   'polypeptide(L)'
_entity_poly.pdbx_seq_one_letter_code
;ATKAVCVLKGDGPVQGIINFEQKESNGPVKVWGSIKGLTEGLHGFHVHEFGDNTAGCTSAGPHFNPLSRKHGGPKDEERH
VGDLGNVTADKDGVADVSIEDSVISLSGDHCITGRTLVVHEKADDLGKGGNEESTKTGNAGSRLACGVIGIAQ
;
_entity_poly.pdbx_strand_id   A,F
#
loop_
_chem_comp.id
_chem_comp.type
_chem_comp.name
_chem_comp.formula
4MQ non-polymer 4-(4-METHYL-1,4-DIAZEPAN-1-YL)QUINAZOLINE 'C14 H18 N4'
CU non-polymer 'COPPER (II) ION' 'Cu 2'
SO4 non-polymer 'SULFATE ION' 'O4 S -2'
ZN non-polymer 'ZINC ION' 'Zn 2'
#
# COMPACT_ATOMS: atom_id res chain seq x y z
N ALA A 1 -9.61 12.41 12.88
CA ALA A 1 -9.70 10.96 12.57
C ALA A 1 -8.50 10.61 11.72
N THR A 2 -8.27 9.31 11.63
CA THR A 2 -7.23 8.71 10.80
C THR A 2 -7.95 7.86 9.79
N LYS A 3 -7.49 7.91 8.53
CA LYS A 3 -8.16 7.24 7.42
C LYS A 3 -7.14 6.45 6.62
N ALA A 4 -7.62 5.34 6.05
CA ALA A 4 -6.82 4.51 5.13
C ALA A 4 -7.73 3.97 4.05
N VAL A 5 -7.15 3.39 3.03
CA VAL A 5 -7.89 2.97 1.82
C VAL A 5 -7.16 1.82 1.16
N CYS A 6 -7.92 1.00 0.45
CA CYS A 6 -7.33 -0.13 -0.26
C CYS A 6 -8.12 -0.35 -1.55
N VAL A 7 -7.40 -0.42 -2.68
CA VAL A 7 -7.95 -0.78 -3.95
C VAL A 7 -7.62 -2.27 -4.19
N LEU A 8 -8.67 -3.08 -4.37
N LEU A 8 -8.67 -3.07 -4.36
CA LEU A 8 -8.50 -4.53 -4.54
CA LEU A 8 -8.52 -4.52 -4.57
C LEU A 8 -8.58 -4.88 -6.02
C LEU A 8 -8.59 -4.88 -6.04
N LYS A 9 -7.56 -5.60 -6.49
CA LYS A 9 -7.46 -6.09 -7.88
C LYS A 9 -6.79 -7.43 -7.87
N GLY A 10 -7.03 -8.22 -8.91
CA GLY A 10 -6.31 -9.49 -9.05
C GLY A 10 -6.20 -9.86 -10.51
N ASP A 11 -6.03 -11.14 -10.77
CA ASP A 11 -5.83 -11.58 -12.16
C ASP A 11 -7.14 -11.85 -12.88
N GLY A 12 -8.22 -11.97 -12.12
CA GLY A 12 -9.54 -12.30 -12.65
C GLY A 12 -10.47 -11.10 -12.54
N PRO A 13 -11.77 -11.33 -12.32
CA PRO A 13 -12.77 -10.27 -12.37
C PRO A 13 -13.01 -9.55 -11.05
N VAL A 14 -12.37 -9.99 -9.96
CA VAL A 14 -12.70 -9.46 -8.66
C VAL A 14 -12.02 -8.12 -8.43
N GLN A 15 -12.78 -7.12 -8.04
N GLN A 15 -12.84 -7.09 -8.17
CA GLN A 15 -12.16 -5.86 -7.76
CA GLN A 15 -12.38 -5.70 -8.01
C GLN A 15 -13.06 -5.10 -6.83
C GLN A 15 -13.10 -5.09 -6.81
N GLY A 16 -12.44 -4.21 -6.08
CA GLY A 16 -13.16 -3.49 -5.05
C GLY A 16 -12.43 -2.30 -4.51
N ILE A 17 -13.10 -1.60 -3.64
CA ILE A 17 -12.59 -0.44 -2.96
C ILE A 17 -13.07 -0.48 -1.52
N ILE A 18 -12.11 -0.39 -0.59
CA ILE A 18 -12.44 -0.47 0.84
C ILE A 18 -11.77 0.68 1.56
N ASN A 19 -12.57 1.36 2.38
CA ASN A 19 -12.16 2.51 3.18
C ASN A 19 -12.11 2.14 4.64
N PHE A 20 -11.19 2.74 5.37
CA PHE A 20 -11.04 2.57 6.80
C PHE A 20 -11.03 3.92 7.47
N GLU A 21 -11.75 4.03 8.58
N GLU A 21 -11.74 4.04 8.58
CA GLU A 21 -11.70 5.27 9.36
CA GLU A 21 -11.69 5.27 9.36
C GLU A 21 -11.68 4.97 10.83
C GLU A 21 -11.70 4.97 10.85
N GLN A 22 -10.83 5.66 11.59
CA GLN A 22 -10.66 5.44 13.01
C GLN A 22 -10.73 6.82 13.68
N LYS A 23 -11.77 7.05 14.45
N LYS A 23 -11.78 7.03 14.46
CA LYS A 23 -11.97 8.36 15.07
CA LYS A 23 -12.04 8.33 15.07
C LYS A 23 -10.92 8.66 16.13
C LYS A 23 -11.05 8.67 16.19
N GLU A 24 -10.60 7.65 16.92
CA GLU A 24 -9.68 7.82 18.05
C GLU A 24 -8.59 6.79 18.04
N SER A 25 -7.40 7.19 18.48
N SER A 25 -7.38 7.17 18.46
CA SER A 25 -6.31 6.28 18.73
CA SER A 25 -6.28 6.23 18.59
C SER A 25 -6.86 5.11 19.53
C SER A 25 -6.71 5.14 19.56
N ASN A 26 -6.47 3.91 19.19
CA ASN A 26 -6.97 2.75 19.93
C ASN A 26 -8.47 2.51 19.94
N GLY A 27 -9.26 3.31 19.21
CA GLY A 27 -10.72 3.09 19.10
C GLY A 27 -11.07 2.18 17.90
N PRO A 28 -12.34 1.88 17.72
CA PRO A 28 -12.74 1.01 16.61
C PRO A 28 -12.53 1.64 15.26
N VAL A 29 -12.34 0.79 14.29
CA VAL A 29 -12.14 1.16 12.89
C VAL A 29 -13.38 0.78 12.10
N LYS A 30 -14.01 1.75 11.42
CA LYS A 30 -15.06 1.47 10.47
C LYS A 30 -14.44 1.10 9.13
N VAL A 31 -15.01 0.07 8.49
CA VAL A 31 -14.51 -0.52 7.24
C VAL A 31 -15.69 -0.57 6.33
N TRP A 32 -15.60 0.08 5.16
CA TRP A 32 -16.74 0.08 4.25
C TRP A 32 -16.30 0.21 2.82
N GLY A 33 -17.13 -0.30 1.93
CA GLY A 33 -16.89 -0.19 0.49
C GLY A 33 -17.67 -1.25 -0.26
N SER A 34 -17.15 -1.66 -1.39
CA SER A 34 -17.87 -2.57 -2.27
C SER A 34 -16.84 -3.44 -3.02
N ILE A 35 -17.18 -4.70 -3.20
CA ILE A 35 -16.39 -5.62 -3.99
C ILE A 35 -17.32 -6.30 -4.99
N LYS A 36 -16.88 -6.38 -6.24
CA LYS A 36 -17.65 -6.98 -7.32
C LYS A 36 -16.87 -8.07 -8.04
N GLY A 37 -17.56 -8.83 -8.88
CA GLY A 37 -16.90 -9.87 -9.62
C GLY A 37 -16.81 -11.21 -8.91
N LEU A 38 -17.53 -11.36 -7.81
CA LEU A 38 -17.45 -12.56 -6.95
C LEU A 38 -18.50 -13.60 -7.31
N THR A 39 -18.25 -14.85 -6.94
CA THR A 39 -19.26 -15.87 -6.90
C THR A 39 -20.14 -15.64 -5.66
N GLU A 40 -21.39 -16.03 -5.76
CA GLU A 40 -22.32 -15.91 -4.64
C GLU A 40 -21.80 -16.63 -3.42
N GLY A 41 -22.02 -16.01 -2.27
CA GLY A 41 -21.63 -16.62 -1.03
C GLY A 41 -20.50 -15.93 -0.32
N LEU A 42 -19.91 -16.65 0.62
CA LEU A 42 -18.88 -16.10 1.49
C LEU A 42 -17.51 -16.14 0.86
N HIS A 43 -16.73 -15.07 1.08
CA HIS A 43 -15.36 -14.98 0.69
C HIS A 43 -14.53 -14.46 1.83
N GLY A 44 -13.52 -15.22 2.25
CA GLY A 44 -12.70 -14.80 3.37
C GLY A 44 -12.10 -13.43 3.11
N PHE A 45 -11.97 -12.64 4.16
CA PHE A 45 -11.58 -11.22 4.06
C PHE A 45 -10.61 -10.91 5.18
N HIS A 46 -9.33 -10.74 4.84
CA HIS A 46 -8.30 -10.66 5.85
C HIS A 46 -7.27 -9.63 5.51
N VAL A 47 -6.66 -9.08 6.55
CA VAL A 47 -5.39 -8.38 6.37
C VAL A 47 -4.27 -9.41 6.52
N HIS A 48 -3.41 -9.49 5.51
CA HIS A 48 -2.25 -10.33 5.52
C HIS A 48 -1.02 -9.51 5.88
N GLU A 49 0.00 -10.18 6.36
CA GLU A 49 1.13 -9.57 7.01
C GLU A 49 1.89 -8.56 6.14
N PHE A 50 2.23 -8.94 4.92
CA PHE A 50 3.10 -8.11 4.12
C PHE A 50 2.31 -7.31 3.14
N GLY A 51 2.74 -6.06 2.93
CA GLY A 51 2.23 -5.23 1.82
C GLY A 51 3.04 -5.45 0.54
N ASP A 52 3.36 -6.70 0.25
CA ASP A 52 4.15 -7.12 -0.89
C ASP A 52 3.23 -7.81 -1.87
N ASN A 53 3.05 -7.23 -3.06
CA ASN A 53 2.30 -7.89 -4.10
C ASN A 53 3.20 -8.18 -5.33
N THR A 54 4.52 -8.32 -5.07
CA THR A 54 5.47 -8.55 -6.15
C THR A 54 5.03 -9.60 -7.15
N ALA A 55 4.64 -10.75 -6.61
CA ALA A 55 4.25 -11.89 -7.43
C ALA A 55 2.74 -12.10 -7.46
N GLY A 56 1.99 -11.04 -7.17
CA GLY A 56 0.55 -11.16 -6.92
C GLY A 56 0.27 -11.27 -5.44
N CYS A 57 -0.95 -11.68 -5.15
CA CYS A 57 -1.43 -11.69 -3.79
C CYS A 57 -0.77 -12.69 -2.87
N THR A 58 -0.18 -13.73 -3.45
N THR A 58 -0.17 -13.76 -3.41
CA THR A 58 0.58 -14.70 -2.68
CA THR A 58 0.54 -14.70 -2.55
C THR A 58 1.70 -14.06 -1.86
C THR A 58 1.74 -14.08 -1.85
N SER A 59 2.30 -12.99 -2.39
CA SER A 59 3.44 -12.39 -1.77
C SER A 59 3.12 -11.77 -0.38
N ALA A 60 1.84 -11.57 -0.09
CA ALA A 60 1.41 -10.94 1.12
C ALA A 60 1.58 -11.81 2.37
N GLY A 61 1.90 -13.10 2.21
CA GLY A 61 2.18 -13.95 3.35
C GLY A 61 0.93 -14.34 4.11
N PRO A 62 1.08 -14.68 5.38
CA PRO A 62 -0.01 -15.24 6.20
C PRO A 62 -0.88 -14.11 6.75
N HIS A 63 -1.93 -14.44 7.48
CA HIS A 63 -2.76 -13.39 8.08
C HIS A 63 -1.90 -12.60 9.05
N PHE A 64 -2.14 -11.29 9.13
CA PHE A 64 -1.39 -10.40 10.07
C PHE A 64 -1.69 -10.82 11.49
N ASN A 65 -0.64 -11.14 12.24
CA ASN A 65 -0.77 -11.79 13.53
C ASN A 65 0.32 -11.29 14.49
N PRO A 66 0.31 -10.01 14.84
CA PRO A 66 1.34 -9.46 15.75
C PRO A 66 1.23 -9.93 17.17
N LEU A 67 0.12 -10.56 17.53
CA LEU A 67 -0.09 -10.98 18.92
C LEU A 67 -0.02 -12.47 19.10
N SER A 68 0.45 -13.19 18.11
N SER A 68 0.35 -13.18 18.03
CA SER A 68 0.73 -14.58 18.26
CA SER A 68 0.62 -14.62 17.94
C SER A 68 -0.47 -15.34 18.75
C SER A 68 -0.50 -15.62 18.32
N ARG A 69 -1.51 -15.39 17.90
N ARG A 69 -1.74 -15.17 18.09
CA ARG A 69 -2.74 -16.10 18.21
CA ARG A 69 -2.94 -15.97 18.35
C ARG A 69 -3.12 -17.02 17.08
C ARG A 69 -3.20 -16.90 17.15
N LYS A 70 -4.15 -17.83 17.30
CA LYS A 70 -4.66 -18.69 16.25
C LYS A 70 -5.75 -17.95 15.45
N HIS A 71 -6.11 -18.52 14.30
CA HIS A 71 -7.12 -17.96 13.42
C HIS A 71 -8.52 -18.05 14.05
N GLY A 72 -9.32 -17.02 13.85
CA GLY A 72 -10.70 -17.02 14.28
C GLY A 72 -11.54 -16.08 13.44
N GLY A 73 -12.76 -15.86 13.88
CA GLY A 73 -13.60 -14.82 13.34
C GLY A 73 -13.43 -13.48 14.00
N PRO A 74 -13.95 -12.42 13.39
CA PRO A 74 -13.74 -11.11 13.92
C PRO A 74 -14.40 -10.89 15.25
N LYS A 75 -15.45 -11.68 15.57
N LYS A 75 -15.42 -11.67 15.61
CA LYS A 75 -16.16 -11.63 16.86
CA LYS A 75 -16.04 -11.50 16.90
C LYS A 75 -15.56 -12.54 17.94
C LYS A 75 -15.60 -12.57 17.90
N ASP A 76 -14.46 -13.21 17.64
CA ASP A 76 -13.81 -14.14 18.56
C ASP A 76 -12.68 -13.48 19.32
N GLU A 77 -12.44 -13.93 20.54
CA GLU A 77 -11.25 -13.51 21.27
C GLU A 77 -10.00 -14.07 20.66
N GLU A 78 -10.01 -15.36 20.30
CA GLU A 78 -8.86 -16.00 19.69
C GLU A 78 -8.94 -15.77 18.19
N ARG A 79 -8.19 -14.78 17.73
CA ARG A 79 -8.16 -14.41 16.31
C ARG A 79 -6.84 -13.73 16.04
N HIS A 80 -6.49 -13.72 14.76
CA HIS A 80 -5.40 -12.90 14.24
C HIS A 80 -5.92 -11.43 14.21
N VAL A 81 -5.03 -10.45 14.34
CA VAL A 81 -5.46 -9.09 14.14
C VAL A 81 -6.12 -8.95 12.75
N GLY A 82 -5.55 -9.59 11.74
CA GLY A 82 -6.14 -9.45 10.39
C GLY A 82 -7.39 -10.21 10.08
N ASP A 83 -8.03 -10.86 11.05
CA ASP A 83 -9.19 -11.71 10.78
C ASP A 83 -10.47 -10.89 10.76
N LEU A 84 -10.88 -10.48 9.55
CA LEU A 84 -12.10 -9.71 9.33
C LEU A 84 -13.25 -10.55 8.81
N GLY A 85 -13.10 -11.87 8.89
CA GLY A 85 -14.20 -12.77 8.58
C GLY A 85 -14.45 -13.04 7.12
N ASN A 86 -15.68 -12.79 6.70
CA ASN A 86 -16.10 -12.97 5.32
C ASN A 86 -16.82 -11.76 4.82
N VAL A 87 -16.74 -11.51 3.51
CA VAL A 87 -17.72 -10.68 2.83
C VAL A 87 -18.67 -11.64 2.12
N THR A 88 -19.87 -11.20 1.94
CA THR A 88 -20.92 -12.05 1.34
C THR A 88 -21.46 -11.44 0.08
N ALA A 89 -21.31 -12.14 -1.04
CA ALA A 89 -21.79 -11.70 -2.34
C ALA A 89 -23.13 -12.29 -2.65
N ASP A 90 -23.98 -11.46 -3.25
CA ASP A 90 -25.26 -11.93 -3.79
C ASP A 90 -25.03 -12.53 -5.18
N LYS A 91 -26.13 -12.98 -5.79
CA LYS A 91 -26.10 -13.50 -7.16
C LYS A 91 -25.47 -12.56 -8.14
N ASP A 92 -25.56 -11.26 -7.92
CA ASP A 92 -24.95 -10.31 -8.84
C ASP A 92 -23.43 -10.23 -8.69
N GLY A 93 -22.89 -10.95 -7.71
CA GLY A 93 -21.46 -10.94 -7.51
C GLY A 93 -20.92 -9.78 -6.68
N VAL A 94 -21.80 -9.00 -6.05
CA VAL A 94 -21.41 -7.81 -5.30
C VAL A 94 -21.58 -8.08 -3.81
N ALA A 95 -20.56 -7.66 -3.07
CA ALA A 95 -20.60 -7.58 -1.61
C ALA A 95 -20.52 -6.11 -1.21
N ASP A 96 -21.56 -5.63 -0.56
N ASP A 96 -21.50 -5.66 -0.42
CA ASP A 96 -21.43 -4.34 0.04
CA ASP A 96 -21.62 -4.27 0.03
C ASP A 96 -20.88 -4.61 1.44
C ASP A 96 -21.14 -4.23 1.49
N VAL A 97 -19.85 -3.86 1.73
CA VAL A 97 -19.17 -4.03 3.02
C VAL A 97 -19.41 -2.85 3.96
N SER A 98 -19.89 -3.10 5.18
CA SER A 98 -19.94 -2.08 6.20
C SER A 98 -19.87 -2.68 7.56
N ILE A 99 -18.65 -2.69 8.13
CA ILE A 99 -18.46 -3.26 9.43
C ILE A 99 -17.64 -2.34 10.28
N GLU A 100 -17.53 -2.72 11.55
N GLU A 100 -17.52 -2.71 11.56
CA GLU A 100 -16.69 -2.06 12.50
CA GLU A 100 -16.70 -2.00 12.53
C GLU A 100 -15.86 -3.11 13.20
C GLU A 100 -15.91 -3.01 13.35
N ASP A 101 -14.59 -2.82 13.42
CA ASP A 101 -13.71 -3.77 14.06
C ASP A 101 -12.91 -3.07 15.10
N SER A 102 -12.78 -3.75 16.24
N SER A 102 -12.76 -3.68 16.26
CA SER A 102 -12.14 -3.20 17.42
CA SER A 102 -12.02 -3.02 17.33
C SER A 102 -10.66 -3.58 17.58
C SER A 102 -10.68 -3.65 17.66
N VAL A 103 -10.21 -4.58 16.84
CA VAL A 103 -8.88 -5.18 17.00
C VAL A 103 -7.88 -4.56 16.01
N ILE A 104 -8.27 -4.44 14.74
CA ILE A 104 -7.41 -3.69 13.80
C ILE A 104 -7.25 -2.25 14.31
N SER A 105 -6.16 -1.59 13.88
CA SER A 105 -5.95 -0.16 14.12
C SER A 105 -5.31 0.47 12.90
N LEU A 106 -5.32 1.80 12.86
CA LEU A 106 -4.59 2.55 11.84
C LEU A 106 -3.36 3.23 12.43
N SER A 107 -2.96 2.84 13.63
N SER A 107 -3.01 2.84 13.66
CA SER A 107 -1.65 3.22 14.18
CA SER A 107 -1.79 3.29 14.36
C SER A 107 -1.23 2.16 15.18
C SER A 107 -1.24 2.15 15.22
N GLY A 108 0.03 2.22 15.57
CA GLY A 108 0.61 1.34 16.55
C GLY A 108 0.85 -0.09 16.12
N ASP A 109 0.96 -1.02 17.07
N ASP A 109 0.92 -0.98 17.10
CA ASP A 109 1.33 -2.40 16.72
CA ASP A 109 1.27 -2.36 16.90
C ASP A 109 0.20 -3.19 16.09
C ASP A 109 0.21 -3.10 16.07
N HIS A 110 -1.05 -2.74 16.26
CA HIS A 110 -2.14 -3.36 15.51
C HIS A 110 -2.38 -2.71 14.12
N CYS A 111 -1.49 -1.80 13.70
CA CYS A 111 -1.71 -1.07 12.47
C CYS A 111 -1.68 -1.95 11.25
N ILE A 112 -2.70 -1.80 10.40
CA ILE A 112 -2.85 -2.55 9.18
C ILE A 112 -2.37 -1.82 7.94
N THR A 113 -2.07 -0.53 8.09
N THR A 113 -2.13 -0.51 8.05
CA THR A 113 -1.60 0.25 6.97
CA THR A 113 -1.67 0.25 6.88
C THR A 113 -0.23 -0.25 6.51
C THR A 113 -0.24 -0.15 6.50
N GLY A 114 -0.03 -0.32 5.20
CA GLY A 114 1.19 -0.89 4.66
C GLY A 114 1.19 -2.40 4.54
N ARG A 115 0.08 -3.01 4.90
CA ARG A 115 -0.14 -4.45 4.76
C ARG A 115 -1.20 -4.70 3.68
N THR A 116 -1.51 -5.96 3.39
CA THR A 116 -2.37 -6.30 2.28
C THR A 116 -3.74 -6.77 2.72
N LEU A 117 -4.78 -6.17 2.16
CA LEU A 117 -6.16 -6.68 2.29
C LEU A 117 -6.43 -7.67 1.15
N VAL A 118 -7.00 -8.84 1.49
CA VAL A 118 -7.20 -9.90 0.56
C VAL A 118 -8.64 -10.39 0.65
N VAL A 119 -9.27 -10.63 -0.50
N VAL A 119 -9.24 -10.62 -0.53
CA VAL A 119 -10.56 -11.30 -0.58
CA VAL A 119 -10.52 -11.32 -0.71
C VAL A 119 -10.32 -12.65 -1.28
C VAL A 119 -10.21 -12.69 -1.26
N HIS A 120 -10.75 -13.70 -0.59
CA HIS A 120 -10.44 -15.09 -0.94
C HIS A 120 -11.52 -15.80 -1.76
N GLU A 121 -11.09 -16.95 -2.30
CA GLU A 121 -11.89 -17.78 -3.16
C GLU A 121 -13.14 -18.33 -2.50
N LYS A 122 -13.02 -18.74 -1.26
CA LYS A 122 -13.92 -19.61 -0.52
C LYS A 122 -14.27 -18.96 0.82
N ALA A 123 -15.24 -19.56 1.49
CA ALA A 123 -15.59 -19.14 2.84
C ALA A 123 -14.47 -19.38 3.81
N ASP A 124 -14.31 -18.44 4.74
CA ASP A 124 -13.53 -18.61 5.96
C ASP A 124 -14.46 -19.29 6.98
N ASP A 125 -14.00 -20.42 7.50
CA ASP A 125 -14.76 -21.19 8.51
C ASP A 125 -14.57 -20.68 9.93
N LEU A 126 -13.86 -19.59 10.08
CA LEU A 126 -13.66 -18.86 11.31
C LEU A 126 -13.04 -19.72 12.40
N GLY A 127 -12.22 -20.70 12.00
CA GLY A 127 -11.54 -21.59 12.92
C GLY A 127 -12.40 -22.73 13.41
N LYS A 128 -13.58 -22.95 12.84
CA LYS A 128 -14.51 -23.95 13.35
C LYS A 128 -14.61 -25.14 12.39
N GLY A 129 -13.66 -25.27 11.48
CA GLY A 129 -13.72 -26.32 10.48
C GLY A 129 -13.19 -27.68 10.88
N GLY A 130 -12.58 -27.82 12.04
CA GLY A 130 -12.22 -29.16 12.54
C GLY A 130 -10.94 -29.76 11.96
N ASN A 131 -10.04 -28.92 11.46
CA ASN A 131 -8.73 -29.37 11.01
C ASN A 131 -7.68 -28.31 11.35
N GLU A 132 -6.40 -28.63 11.20
CA GLU A 132 -5.35 -27.71 11.62
C GLU A 132 -5.38 -26.47 10.76
N GLU A 133 -5.65 -26.64 9.47
CA GLU A 133 -5.69 -25.49 8.58
C GLU A 133 -6.77 -24.51 8.95
N SER A 134 -7.87 -24.98 9.52
CA SER A 134 -8.90 -24.08 9.98
C SER A 134 -8.40 -23.05 10.97
N THR A 135 -7.51 -23.45 11.88
CA THR A 135 -7.02 -22.51 12.88
C THR A 135 -5.78 -21.75 12.43
N LYS A 136 -5.47 -21.83 11.13
CA LYS A 136 -4.40 -21.05 10.53
C LYS A 136 -4.93 -20.07 9.46
N THR A 137 -5.71 -20.58 8.51
CA THR A 137 -6.22 -19.78 7.38
C THR A 137 -7.75 -19.71 7.27
N GLY A 138 -8.46 -20.53 8.04
CA GLY A 138 -9.90 -20.67 7.90
C GLY A 138 -10.35 -21.42 6.68
N ASN A 139 -9.41 -22.08 5.99
CA ASN A 139 -9.74 -22.83 4.77
C ASN A 139 -10.42 -21.97 3.69
N ALA A 140 -10.00 -20.72 3.59
CA ALA A 140 -10.63 -19.77 2.65
C ALA A 140 -10.08 -19.83 1.22
N GLY A 141 -9.11 -20.68 0.98
CA GLY A 141 -8.61 -20.91 -0.37
C GLY A 141 -7.80 -19.75 -0.92
N SER A 142 -7.80 -19.69 -2.24
CA SER A 142 -6.89 -18.80 -2.97
C SER A 142 -7.27 -17.33 -2.82
N ARG A 143 -6.44 -16.47 -3.39
CA ARG A 143 -6.55 -15.03 -3.21
C ARG A 143 -7.06 -14.46 -4.52
N LEU A 144 -8.30 -14.03 -4.56
CA LEU A 144 -8.89 -13.51 -5.78
C LEU A 144 -8.49 -12.08 -6.13
N ALA A 145 -8.34 -11.26 -5.10
CA ALA A 145 -7.98 -9.85 -5.28
C ALA A 145 -7.36 -9.36 -4.00
N CYS A 146 -6.53 -8.34 -4.13
CA CYS A 146 -5.85 -7.78 -2.98
C CYS A 146 -5.36 -6.38 -3.30
N GLY A 147 -4.91 -5.70 -2.27
CA GLY A 147 -4.23 -4.44 -2.49
C GLY A 147 -3.54 -4.06 -1.20
N VAL A 148 -2.60 -3.12 -1.29
CA VAL A 148 -1.86 -2.64 -0.14
C VAL A 148 -2.69 -1.49 0.49
N ILE A 149 -2.84 -1.52 1.81
CA ILE A 149 -3.64 -0.53 2.53
C ILE A 149 -2.78 0.72 2.67
N GLY A 150 -3.31 1.86 2.22
CA GLY A 150 -2.54 3.10 2.20
C GLY A 150 -3.17 4.20 3.07
N ILE A 151 -2.33 5.12 3.48
CA ILE A 151 -2.75 6.31 4.21
C ILE A 151 -3.64 7.20 3.32
N ALA A 152 -4.79 7.62 3.84
CA ALA A 152 -5.73 8.44 3.09
C ALA A 152 -5.82 9.86 3.69
N GLN A 153 -6.23 10.78 2.82
CA GLN A 153 -6.43 12.20 3.12
C GLN A 153 -7.62 12.36 4.01
N ALA B 1 17.17 -5.66 10.01
CA ALA B 1 16.78 -4.65 8.97
C ALA B 1 15.27 -4.53 8.79
N THR B 2 14.85 -3.41 8.24
CA THR B 2 13.46 -3.16 7.90
C THR B 2 13.38 -3.15 6.37
N LYS B 3 12.35 -3.75 5.80
CA LYS B 3 12.22 -3.82 4.37
C LYS B 3 10.81 -3.37 3.92
N ALA B 4 10.76 -2.79 2.73
CA ALA B 4 9.49 -2.43 2.09
C ALA B 4 9.61 -2.64 0.60
N VAL B 5 8.49 -2.59 -0.08
CA VAL B 5 8.43 -2.94 -1.49
C VAL B 5 7.28 -2.19 -2.14
N CYS B 6 7.39 -1.96 -3.45
CA CYS B 6 6.35 -1.30 -4.19
C CYS B 6 6.27 -1.85 -5.60
N VAL B 7 5.09 -2.25 -6.00
CA VAL B 7 4.76 -2.66 -7.38
C VAL B 7 4.16 -1.47 -8.12
N LEU B 8 4.82 -1.03 -9.19
N LEU B 8 4.84 -1.00 -9.17
CA LEU B 8 4.35 0.12 -9.96
CA LEU B 8 4.37 0.14 -9.95
C LEU B 8 3.52 -0.32 -11.18
C LEU B 8 3.53 -0.32 -11.18
N LYS B 9 2.30 0.17 -11.27
CA LYS B 9 1.38 -0.11 -12.39
C LYS B 9 0.57 1.16 -12.73
N GLY B 10 0.00 1.23 -13.93
CA GLY B 10 -0.87 2.37 -14.30
C GLY B 10 -1.76 2.01 -15.47
N ASP B 11 -2.12 3.00 -16.26
CA ASP B 11 -3.01 2.75 -17.38
C ASP B 11 -2.31 2.40 -18.68
N GLY B 12 -0.99 2.35 -18.69
CA GLY B 12 -0.23 2.42 -19.93
C GLY B 12 0.74 1.29 -19.87
N PRO B 13 1.80 1.36 -20.70
CA PRO B 13 2.75 0.29 -20.72
C PRO B 13 3.75 0.27 -19.55
N VAL B 14 3.77 1.31 -18.70
CA VAL B 14 4.81 1.39 -17.67
C VAL B 14 4.49 0.49 -16.49
N GLN B 15 5.47 -0.31 -16.09
CA GLN B 15 5.34 -1.14 -14.89
C GLN B 15 6.70 -1.36 -14.27
N GLY B 16 6.74 -1.56 -12.95
CA GLY B 16 7.99 -1.82 -12.31
C GLY B 16 7.92 -2.38 -10.91
N ILE B 17 9.07 -2.64 -10.32
N ILE B 17 9.09 -2.69 -10.35
CA ILE B 17 9.21 -3.24 -9.00
CA ILE B 17 9.27 -3.23 -9.00
C ILE B 17 10.37 -2.54 -8.26
C ILE B 17 10.34 -2.39 -8.33
N ILE B 18 10.09 -1.95 -7.08
CA ILE B 18 11.10 -1.24 -6.31
C ILE B 18 11.12 -1.77 -4.87
N ASN B 19 12.32 -2.10 -4.42
CA ASN B 19 12.60 -2.57 -3.09
C ASN B 19 13.27 -1.51 -2.23
N PHE B 20 13.00 -1.55 -0.95
CA PHE B 20 13.58 -0.65 0.02
C PHE B 20 14.16 -1.45 1.17
N GLU B 21 15.35 -1.09 1.63
CA GLU B 21 15.91 -1.76 2.80
C GLU B 21 16.63 -0.75 3.70
N GLN B 22 16.33 -0.80 4.99
CA GLN B 22 16.91 0.10 5.98
C GLN B 22 17.56 -0.78 7.06
N LYS B 23 18.89 -0.86 7.03
CA LYS B 23 19.63 -1.77 7.91
C LYS B 23 19.53 -1.35 9.37
N GLU B 24 19.68 -0.06 9.64
CA GLU B 24 19.62 0.45 11.01
C GLU B 24 18.42 1.35 11.16
N SER B 25 17.85 1.36 12.37
CA SER B 25 16.74 2.25 12.68
C SER B 25 17.19 3.67 12.42
N ASN B 26 16.41 4.37 11.61
CA ASN B 26 16.67 5.74 11.22
C ASN B 26 17.90 5.94 10.33
N GLY B 27 18.48 4.86 9.81
CA GLY B 27 19.62 4.95 8.93
C GLY B 27 19.27 5.12 7.46
N PRO B 28 20.29 5.10 6.57
CA PRO B 28 20.06 5.20 5.17
C PRO B 28 19.18 4.06 4.63
N VAL B 29 18.41 4.38 3.60
CA VAL B 29 17.54 3.44 2.94
C VAL B 29 18.07 3.15 1.54
N LYS B 30 18.34 1.88 1.24
CA LYS B 30 18.70 1.49 -0.11
C LYS B 30 17.43 1.25 -0.88
N VAL B 31 17.40 1.74 -2.12
CA VAL B 31 16.24 1.69 -3.00
C VAL B 31 16.71 1.06 -4.31
N TRP B 32 16.12 -0.03 -4.73
CA TRP B 32 16.61 -0.68 -5.96
C TRP B 32 15.51 -1.43 -6.65
N GLY B 33 15.64 -1.59 -7.97
CA GLY B 33 14.66 -2.35 -8.75
C GLY B 33 14.76 -1.96 -10.21
N SER B 34 13.67 -2.13 -10.93
CA SER B 34 13.64 -1.91 -12.37
C SER B 34 12.28 -1.39 -12.77
N ILE B 35 12.30 -0.44 -13.68
CA ILE B 35 11.09 0.05 -14.28
C ILE B 35 11.18 -0.06 -15.80
N LYS B 36 10.16 -0.59 -16.44
CA LYS B 36 10.14 -0.81 -17.88
C LYS B 36 8.96 -0.12 -18.57
N GLY B 37 9.03 -0.01 -19.89
CA GLY B 37 7.98 0.61 -20.65
C GLY B 37 8.06 2.13 -20.77
N LEU B 38 9.16 2.70 -20.29
CA LEU B 38 9.37 4.16 -20.22
C LEU B 38 9.88 4.71 -21.55
N THR B 39 9.58 5.97 -21.84
CA THR B 39 10.24 6.64 -22.94
C THR B 39 11.68 6.94 -22.54
N GLU B 40 12.54 7.03 -23.53
CA GLU B 40 13.94 7.38 -23.31
C GLU B 40 14.06 8.73 -22.65
N GLY B 41 14.86 8.81 -21.57
CA GLY B 41 15.07 10.03 -20.84
C GLY B 41 14.71 9.93 -19.37
N LEU B 42 14.55 11.10 -18.77
CA LEU B 42 14.27 11.23 -17.34
C LEU B 42 12.80 11.13 -17.03
N HIS B 43 12.52 10.56 -15.87
CA HIS B 43 11.17 10.44 -15.34
C HIS B 43 11.21 10.71 -13.85
N GLY B 44 10.49 11.72 -13.44
CA GLY B 44 10.45 12.05 -12.04
C GLY B 44 10.02 10.90 -11.15
N PHE B 45 10.61 10.82 -9.97
CA PHE B 45 10.48 9.63 -9.11
C PHE B 45 10.33 10.07 -7.68
N HIS B 46 9.09 9.95 -7.16
CA HIS B 46 8.78 10.53 -5.84
C HIS B 46 7.87 9.65 -5.01
N VAL B 47 8.02 9.78 -3.70
CA VAL B 47 6.99 9.33 -2.80
C VAL B 47 5.96 10.46 -2.63
N HIS B 48 4.70 10.17 -2.91
CA HIS B 48 3.62 11.09 -2.71
C HIS B 48 2.99 10.88 -1.35
N GLU B 49 2.19 11.85 -0.92
N GLU B 49 2.19 11.85 -0.92
CA GLU B 49 1.74 11.95 0.46
CA GLU B 49 1.78 11.89 0.46
C GLU B 49 0.83 10.80 0.89
C GLU B 49 0.86 10.75 0.87
N PHE B 50 -0.13 10.45 0.04
CA PHE B 50 -1.16 9.47 0.40
C PHE B 50 -0.94 8.16 -0.34
N GLY B 51 -1.32 7.09 0.31
CA GLY B 51 -1.37 5.76 -0.29
C GLY B 51 -2.69 5.41 -0.86
N ASP B 52 -3.34 6.39 -1.46
CA ASP B 52 -4.67 6.28 -2.00
C ASP B 52 -4.58 6.22 -3.51
N ASN B 53 -4.97 5.08 -4.10
N ASN B 53 -5.03 5.08 -4.07
CA ASN B 53 -5.03 4.98 -5.54
CA ASN B 53 -5.06 4.82 -5.50
C ASN B 53 -6.48 4.73 -6.01
C ASN B 53 -6.50 4.70 -6.02
N THR B 54 -7.45 5.21 -5.24
CA THR B 54 -8.90 5.03 -5.58
C THR B 54 -9.21 5.30 -7.02
N ALA B 55 -8.79 6.49 -7.48
CA ALA B 55 -9.05 6.96 -8.81
C ALA B 55 -7.82 6.89 -9.70
N GLY B 56 -6.87 6.04 -9.34
CA GLY B 56 -5.59 5.96 -9.98
C GLY B 56 -4.54 6.73 -9.21
N CYS B 57 -3.41 7.01 -9.87
CA CYS B 57 -2.29 7.63 -9.23
C CYS B 57 -2.53 9.08 -8.79
N THR B 58 -3.51 9.75 -9.40
N THR B 58 -3.49 9.79 -9.39
CA THR B 58 -3.89 11.10 -8.97
CA THR B 58 -3.79 11.14 -8.93
C THR B 58 -4.27 11.19 -7.50
C THR B 58 -4.28 11.20 -7.49
N SER B 59 -4.88 10.11 -6.98
CA SER B 59 -5.43 10.10 -5.63
C SER B 59 -4.33 10.18 -4.58
N ALA B 60 -3.07 9.97 -4.97
CA ALA B 60 -1.94 9.99 -4.05
C ALA B 60 -1.62 11.41 -3.58
N GLY B 61 -2.15 12.43 -4.23
CA GLY B 61 -1.89 13.79 -3.78
C GLY B 61 -0.50 14.29 -4.10
N PRO B 62 -0.05 15.33 -3.38
CA PRO B 62 1.25 15.99 -3.66
C PRO B 62 2.41 15.11 -3.17
N HIS B 63 3.62 15.58 -3.36
CA HIS B 63 4.79 14.86 -2.83
C HIS B 63 4.71 14.77 -1.31
N PHE B 64 5.23 13.67 -0.76
CA PHE B 64 5.28 13.50 0.69
C PHE B 64 6.17 14.58 1.28
N ASN B 65 5.56 15.45 2.08
CA ASN B 65 6.24 16.65 2.53
C ASN B 65 5.92 16.94 3.98
N PRO B 66 6.37 16.08 4.90
CA PRO B 66 5.99 16.27 6.30
C PRO B 66 6.52 17.55 6.90
N LEU B 67 7.61 18.10 6.35
CA LEU B 67 8.23 19.29 6.90
C LEU B 67 7.81 20.57 6.20
N SER B 68 6.88 20.51 5.24
CA SER B 68 6.37 21.71 4.59
C SER B 68 7.46 22.51 3.91
N ARG B 69 8.39 21.82 3.27
N ARG B 69 8.41 21.80 3.30
CA ARG B 69 9.45 22.47 2.50
CA ARG B 69 9.51 22.39 2.52
C ARG B 69 9.10 22.56 1.04
C ARG B 69 9.10 22.57 1.06
N LYS B 70 9.96 23.23 0.30
CA LYS B 70 9.82 23.32 -1.16
C LYS B 70 10.46 22.11 -1.84
N HIS B 71 10.07 21.89 -3.08
CA HIS B 71 10.55 20.77 -3.86
C HIS B 71 12.02 20.95 -4.18
N GLY B 72 12.76 19.86 -4.17
CA GLY B 72 14.14 19.85 -4.57
C GLY B 72 14.55 18.49 -5.08
N GLY B 73 15.86 18.33 -5.25
CA GLY B 73 16.44 17.04 -5.54
C GLY B 73 16.86 16.33 -4.26
N PRO B 74 17.20 15.03 -4.37
CA PRO B 74 17.51 14.25 -3.21
C PRO B 74 18.78 14.74 -2.48
N LYS B 75 19.73 15.33 -3.22
CA LYS B 75 20.93 15.88 -2.65
C LYS B 75 20.74 17.20 -1.92
N ASP B 76 19.57 17.82 -2.05
CA ASP B 76 19.40 19.16 -1.54
C ASP B 76 18.92 19.12 -0.10
N GLU B 77 19.34 20.09 0.70
N GLU B 77 19.32 20.09 0.73
CA GLU B 77 18.78 20.30 2.03
CA GLU B 77 18.71 20.22 2.05
C GLU B 77 17.30 20.71 1.93
C GLU B 77 17.25 20.68 1.91
N GLU B 78 17.01 21.59 0.97
CA GLU B 78 15.65 22.05 0.75
C GLU B 78 14.98 21.08 -0.25
N ARG B 79 14.22 20.15 0.29
CA ARG B 79 13.52 19.15 -0.50
C ARG B 79 12.32 18.65 0.28
N HIS B 80 11.37 18.04 -0.42
CA HIS B 80 10.34 17.21 0.23
C HIS B 80 10.98 15.89 0.64
N VAL B 81 10.52 15.29 1.73
CA VAL B 81 11.03 13.96 2.07
C VAL B 81 10.85 13.01 0.88
N GLY B 82 9.76 13.08 0.14
CA GLY B 82 9.54 12.19 -0.98
C GLY B 82 10.33 12.43 -2.24
N ASP B 83 11.22 13.42 -2.25
CA ASP B 83 11.93 13.80 -3.48
C ASP B 83 13.13 12.89 -3.76
N LEU B 84 12.91 11.92 -4.63
CA LEU B 84 13.92 10.97 -5.01
C LEU B 84 14.46 11.21 -6.41
N GLY B 85 14.22 12.41 -6.94
CA GLY B 85 14.84 12.83 -8.21
C GLY B 85 14.20 12.21 -9.44
N ASN B 86 15.02 11.61 -10.29
CA ASN B 86 14.62 11.02 -11.57
C ASN B 86 15.18 9.62 -11.68
N VAL B 87 14.46 8.79 -12.40
CA VAL B 87 15.00 7.57 -12.96
C VAL B 87 15.20 7.86 -14.45
N THR B 88 16.14 7.17 -15.06
CA THR B 88 16.58 7.46 -16.44
C THR B 88 16.52 6.19 -17.27
N ALA B 89 15.69 6.21 -18.30
CA ALA B 89 15.50 5.09 -19.17
C ALA B 89 16.33 5.28 -20.45
N ASP B 90 16.91 4.17 -20.93
CA ASP B 90 17.45 4.11 -22.31
C ASP B 90 16.37 3.84 -23.34
N LYS B 91 16.80 3.66 -24.59
CA LYS B 91 15.93 3.28 -25.66
C LYS B 91 15.22 1.96 -25.40
N ASP B 92 15.80 1.10 -24.59
CA ASP B 92 15.13 -0.16 -24.20
C ASP B 92 13.89 0.07 -23.31
N GLY B 93 13.65 1.31 -22.90
CA GLY B 93 12.54 1.65 -22.01
C GLY B 93 12.74 1.26 -20.56
N VAL B 94 13.95 0.88 -20.17
CA VAL B 94 14.23 0.38 -18.83
C VAL B 94 15.10 1.33 -18.04
N ALA B 95 14.70 1.60 -16.81
CA ALA B 95 15.56 2.28 -15.84
C ALA B 95 15.90 1.26 -14.77
N ASP B 96 17.18 0.94 -14.63
N ASP B 96 17.20 1.11 -14.55
CA ASP B 96 17.59 0.00 -13.60
CA ASP B 96 17.76 0.12 -13.64
C ASP B 96 18.04 0.88 -12.45
C ASP B 96 18.16 0.83 -12.34
N VAL B 97 17.22 0.92 -11.40
CA VAL B 97 17.37 1.77 -10.21
C VAL B 97 18.23 1.25 -9.04
N SER B 98 19.13 2.09 -8.51
CA SER B 98 19.96 1.77 -7.36
C SER B 98 20.43 3.04 -6.69
N ILE B 99 19.67 3.49 -5.67
CA ILE B 99 19.71 4.78 -4.99
C ILE B 99 19.96 4.46 -3.51
N GLU B 100 20.58 5.36 -2.76
N GLU B 100 20.54 5.40 -2.77
CA GLU B 100 20.57 5.34 -1.32
CA GLU B 100 20.54 5.36 -1.33
C GLU B 100 20.08 6.74 -0.93
C GLU B 100 20.24 6.73 -0.74
N ASP B 101 19.18 6.79 0.04
CA ASP B 101 18.68 8.07 0.57
C ASP B 101 18.60 8.02 2.07
N SER B 102 18.92 9.14 2.71
N SER B 102 18.95 9.11 2.76
CA SER B 102 18.94 9.24 4.15
CA SER B 102 18.88 9.15 4.22
C SER B 102 17.82 10.08 4.74
C SER B 102 17.78 10.07 4.77
N VAL B 103 16.94 10.62 3.89
CA VAL B 103 15.81 11.42 4.29
C VAL B 103 14.53 10.61 4.41
N ILE B 104 14.23 9.81 3.41
CA ILE B 104 13.18 8.82 3.56
C ILE B 104 13.56 7.85 4.68
N SER B 105 12.53 7.22 5.24
CA SER B 105 12.72 6.21 6.29
C SER B 105 11.63 5.16 6.15
N LEU B 106 11.87 3.99 6.75
CA LEU B 106 10.86 2.94 6.85
C LEU B 106 10.30 2.87 8.29
N SER B 107 10.59 3.90 9.09
CA SER B 107 9.94 4.11 10.37
C SER B 107 9.84 5.60 10.71
N GLY B 108 9.17 5.94 11.80
CA GLY B 108 9.11 7.34 12.26
C GLY B 108 8.27 8.29 11.44
N ASP B 109 8.47 9.60 11.66
CA ASP B 109 7.58 10.61 11.05
C ASP B 109 7.80 10.77 9.55
N HIS B 110 8.99 10.31 9.12
CA HIS B 110 9.39 10.33 7.72
C HIS B 110 9.21 8.98 7.04
N CYS B 111 8.38 8.12 7.66
CA CYS B 111 8.13 6.79 7.13
C CYS B 111 7.35 6.90 5.83
N ILE B 112 7.84 6.24 4.80
CA ILE B 112 7.20 6.21 3.51
C ILE B 112 6.23 5.04 3.29
N THR B 113 6.31 4.05 4.18
N THR B 113 6.26 4.03 4.15
CA THR B 113 5.41 2.93 4.06
CA THR B 113 5.39 2.87 3.95
C THR B 113 3.95 3.37 4.17
C THR B 113 3.94 3.28 4.19
N GLY B 114 3.06 2.81 3.31
CA GLY B 114 1.67 3.21 3.29
C GLY B 114 1.40 4.40 2.41
N ARG B 115 2.43 4.91 1.76
CA ARG B 115 2.30 6.07 0.82
C ARG B 115 2.58 5.57 -0.61
N THR B 116 2.40 6.42 -1.59
CA THR B 116 2.50 5.98 -2.98
C THR B 116 3.81 6.40 -3.64
N LEU B 117 4.49 5.44 -4.26
CA LEU B 117 5.61 5.75 -5.13
C LEU B 117 5.11 5.98 -6.53
N VAL B 118 5.59 7.05 -7.17
CA VAL B 118 5.13 7.39 -8.52
C VAL B 118 6.29 7.63 -9.47
N VAL B 119 6.17 7.12 -10.68
CA VAL B 119 7.10 7.45 -11.75
C VAL B 119 6.33 8.31 -12.76
N HIS B 120 6.93 9.45 -13.13
CA HIS B 120 6.25 10.49 -13.86
C HIS B 120 6.59 10.50 -15.35
N GLU B 121 5.77 11.26 -16.07
CA GLU B 121 5.86 11.44 -17.51
C GLU B 121 7.15 12.01 -18.00
N LYS B 122 7.69 12.99 -17.30
CA LYS B 122 8.87 13.65 -17.82
C LYS B 122 9.83 14.02 -16.73
N ALA B 123 10.85 14.80 -17.03
CA ALA B 123 11.90 15.10 -16.11
C ALA B 123 11.42 15.97 -14.95
N ASP B 124 11.96 15.65 -13.78
CA ASP B 124 11.91 16.51 -12.61
C ASP B 124 13.11 17.46 -12.71
N ASP B 125 12.82 18.76 -12.72
CA ASP B 125 13.86 19.83 -12.74
C ASP B 125 14.47 20.14 -11.39
N LEU B 126 14.15 19.31 -10.40
CA LEU B 126 14.70 19.40 -9.05
C LEU B 126 14.56 20.79 -8.43
N GLY B 127 13.50 21.51 -8.81
CA GLY B 127 13.20 22.83 -8.25
C GLY B 127 13.99 23.95 -8.86
N LYS B 128 14.71 23.69 -9.95
CA LYS B 128 15.58 24.68 -10.60
C LYS B 128 15.04 25.18 -11.93
N GLY B 129 13.78 24.98 -12.16
CA GLY B 129 13.12 25.39 -13.40
C GLY B 129 12.70 26.84 -13.49
N GLY B 130 12.75 27.61 -12.39
CA GLY B 130 12.50 29.04 -12.53
C GLY B 130 11.04 29.47 -12.55
N ASN B 131 10.15 28.60 -12.09
N ASN B 131 10.13 28.60 -12.12
CA ASN B 131 8.73 28.94 -11.95
CA ASN B 131 8.72 28.98 -11.95
C ASN B 131 8.15 28.33 -10.71
C ASN B 131 8.18 28.38 -10.68
N GLU B 132 6.96 28.75 -10.30
CA GLU B 132 6.40 28.28 -9.05
C GLU B 132 6.19 26.77 -9.08
N GLU B 133 5.73 26.24 -10.20
CA GLU B 133 5.46 24.82 -10.26
C GLU B 133 6.74 24.00 -10.03
N SER B 134 7.90 24.53 -10.46
CA SER B 134 9.15 23.82 -10.25
C SER B 134 9.37 23.52 -8.79
N THR B 135 8.98 24.50 -7.96
CA THR B 135 9.21 24.45 -6.51
C THR B 135 8.13 23.62 -5.78
N LYS B 136 7.19 23.06 -6.54
CA LYS B 136 6.12 22.22 -6.01
C LYS B 136 6.26 20.77 -6.53
N THR B 137 6.30 20.61 -7.86
CA THR B 137 6.32 19.30 -8.47
C THR B 137 7.57 18.98 -9.27
N GLY B 138 8.43 19.97 -9.54
CA GLY B 138 9.55 19.78 -10.42
C GLY B 138 9.16 19.71 -11.88
N ASN B 139 7.92 20.05 -12.20
CA ASN B 139 7.45 20.03 -13.60
C ASN B 139 7.59 18.66 -14.26
N ALA B 140 7.38 17.62 -13.47
CA ALA B 140 7.56 16.26 -13.94
C ALA B 140 6.36 15.65 -14.63
N GLY B 141 5.25 16.38 -14.71
CA GLY B 141 4.12 15.95 -15.53
C GLY B 141 3.34 14.83 -14.87
N SER B 142 2.62 14.11 -15.72
CA SER B 142 1.63 13.18 -15.29
C SER B 142 2.26 11.93 -14.63
N ARG B 143 1.37 11.08 -14.13
CA ARG B 143 1.75 9.92 -13.31
C ARG B 143 1.61 8.67 -14.18
N LEU B 144 2.72 8.13 -14.65
CA LEU B 144 2.64 6.99 -15.54
C LEU B 144 2.32 5.69 -14.83
N ALA B 145 2.87 5.51 -13.64
CA ALA B 145 2.69 4.30 -12.87
C ALA B 145 2.94 4.62 -11.42
N CYS B 146 2.32 3.81 -10.55
CA CYS B 146 2.45 4.05 -9.13
C CYS B 146 2.04 2.78 -8.40
N GLY B 147 2.33 2.77 -7.10
CA GLY B 147 1.86 1.73 -6.22
C GLY B 147 2.00 2.20 -4.79
N VAL B 148 1.36 1.48 -3.89
CA VAL B 148 1.45 1.77 -2.48
C VAL B 148 2.65 0.99 -1.90
N ILE B 149 3.51 1.68 -1.16
CA ILE B 149 4.69 1.08 -0.55
C ILE B 149 4.24 0.24 0.64
N GLY B 150 4.65 -1.01 0.67
CA GLY B 150 4.19 -1.94 1.67
C GLY B 150 5.33 -2.57 2.47
N ILE B 151 4.99 -3.05 3.67
CA ILE B 151 5.91 -3.78 4.52
C ILE B 151 6.30 -5.10 3.87
N ALA B 152 7.60 -5.37 3.80
CA ALA B 152 8.11 -6.59 3.17
C ALA B 152 8.73 -7.53 4.20
N GLN B 153 8.80 -8.79 3.82
CA GLN B 153 9.33 -9.90 4.62
C GLN B 153 10.81 -9.74 4.78
N1 4MQ C . -17.81 6.82 7.24
C2 4MQ C . -17.82 7.76 6.27
C3 4MQ C . -18.48 5.66 7.09
N3 4MQ C . -19.88 6.38 3.57
C4 4MQ C . -19.25 5.39 5.84
N4 4MQ C . -21.87 5.82 1.31
C5 4MQ C . -19.91 4.16 5.76
C6 4MQ C . -19.86 3.24 6.79
C7 4MQ C . -19.15 3.50 7.94
C8 4MQ C . -19.20 6.47 4.80
C9 4MQ C . -20.86 5.35 3.31
C10 4MQ C . -20.77 5.04 1.85
C17 4MQ C . -18.46 4.70 8.08
C12 4MQ C . -19.64 7.32 2.48
N9 4MQ C . -18.50 7.59 5.09
C13 4MQ C . -23.13 5.16 1.03
C15 4MQ C . -21.69 7.24 1.02
C16 4MQ C . -21.00 7.93 2.19
S SO4 D . -6.25 -22.78 2.29
O1 SO4 D . -7.69 -23.00 2.04
O2 SO4 D . -6.06 -21.61 3.14
O3 SO4 D . -5.71 -23.94 2.97
O4 SO4 D . -5.61 -22.47 1.03
S SO4 E . 6.37 -7.22 10.53
O1 SO4 E . 5.73 -6.17 11.32
O2 SO4 E . 5.50 -7.75 9.48
O3 SO4 E . 7.54 -6.59 9.92
O4 SO4 E . 6.83 -8.35 11.36
S SO4 F . -2.85 -17.78 -3.77
O1 SO4 F . -2.06 -16.80 -3.03
O2 SO4 F . -1.88 -18.53 -4.56
O3 SO4 F . -3.43 -18.70 -2.79
O4 SO4 F . -3.90 -17.18 -4.58
CU CU G . -6.60 -14.78 4.47
CU CU G . -6.69 -13.78 3.74
ZN ZN H . -6.51 -15.53 10.44
N1 4MQ I . 20.60 -3.49 -2.97
C2 4MQ I . 20.47 -3.75 -1.65
C3 4MQ I . 20.47 -4.49 -3.89
N3 4MQ I . 19.85 -7.33 -1.27
C4 4MQ I . 20.20 -5.89 -3.43
N4 4MQ I . 18.26 -8.38 0.73
C5 4MQ I . 20.09 -6.88 -4.42
C6 4MQ I . 20.23 -6.55 -5.76
C7 4MQ I . 20.49 -5.25 -6.17
C8 4MQ I . 20.07 -6.10 -1.94
C9 4MQ I . 20.39 -7.49 0.07
C10 4MQ I . 19.19 -7.29 0.98
C17 4MQ I . 20.61 -4.22 -5.24
C12 4MQ I . 19.18 -8.56 -1.77
N9 4MQ I . 20.23 -4.99 -1.16
C13 4MQ I . 18.44 -9.65 1.43
C15 4MQ I . 17.17 -8.18 -0.22
C16 4MQ I . 17.67 -8.47 -1.63
S SO4 J . 3.29 19.24 -13.56
O1 SO4 J . 4.13 18.79 -12.48
O2 SO4 J . 4.16 19.08 -14.74
O3 SO4 J . 2.08 18.41 -13.81
O4 SO4 J . 2.88 20.61 -13.39
S SO4 K . 5.12 31.52 -12.01
O1 SO4 K . 6.25 31.18 -11.14
O2 SO4 K . 4.70 30.30 -12.67
O3 SO4 K . 4.05 32.12 -11.20
O4 SO4 K . 5.56 32.47 -13.04
CU CU L . 5.74 12.33 -8.04
CU CU L . 5.86 13.59 -8.12
ZN ZN M . 8.84 17.25 -4.31
S SO4 N . -2.14 12.44 -13.26
O1 SO4 N . -1.35 13.69 -13.31
O2 SO4 N . -1.46 11.43 -14.04
O3 SO4 N . -2.26 12.03 -11.87
O4 SO4 N . -3.44 12.75 -13.81
#